data_2JDL
#
_entry.id   2JDL
#
_cell.length_a   62.589
_cell.length_b   43.964
_cell.length_c   92.235
_cell.angle_alpha   90.00
_cell.angle_beta   92.87
_cell.angle_gamma   90.00
#
_symmetry.space_group_name_H-M   'P 1 21 1'
#
loop_
_entity.id
_entity.type
_entity.pdbx_description
1 polymer 'RIBOSOME-INACTIVATING PROTEIN ALPHA-TRICHOSANTHIN'
2 polymer 'ACIDIC RIBOSOMAL PROTEIN P2'
3 water water
#
loop_
_entity_poly.entity_id
_entity_poly.type
_entity_poly.pdbx_seq_one_letter_code
_entity_poly.pdbx_strand_id
1 'polypeptide(L)'
;MVSFRLSGATSSSYGVFISNLRKALPNERKLYDIPLLRSSLPGSQRYALIHLTNYADETISVAIDVTNVYIMGYRAGDTS
YFFNEASATEAAKYVFKDAMRKVTLPYSGNYERLQTAAGKIRENIPLGLPALDSAITTLFYYNANSAASALMVLIQSTSE
AARYKFIEQQIGKRVDKTFLPSLAIISLENSWSALSKQIQIASTNNGQFESPVVLINAQNQRVTITNVDAGVVTSNIALL
LNRNNMA
;
A,B
2 'polypeptide(L)' SDDDMGFGLFD C,D
#
# COMPACT_ATOMS: atom_id res chain seq x y z
N MET A 1 31.22 -6.69 -17.79
CA MET A 1 32.02 -7.68 -16.99
C MET A 1 31.11 -8.58 -16.24
N VAL A 2 29.95 -8.02 -15.89
CA VAL A 2 29.01 -8.69 -15.00
C VAL A 2 28.19 -9.71 -15.80
N SER A 3 28.18 -10.95 -15.28
CA SER A 3 27.48 -12.09 -15.85
C SER A 3 26.69 -12.81 -14.80
N PHE A 4 25.57 -13.41 -15.22
CA PHE A 4 24.75 -14.23 -14.37
C PHE A 4 24.22 -15.44 -15.16
N ARG A 5 24.41 -16.66 -14.65
CA ARG A 5 23.84 -17.88 -15.30
C ARG A 5 22.62 -18.36 -14.52
N LEU A 6 21.51 -18.47 -15.22
CA LEU A 6 20.32 -18.99 -14.58
C LEU A 6 20.47 -20.46 -14.18
N SER A 7 21.33 -21.21 -14.85
CA SER A 7 21.45 -22.65 -14.48
C SER A 7 22.13 -22.87 -13.14
N GLY A 8 21.30 -23.39 -12.24
CA GLY A 8 21.63 -23.62 -10.83
C GLY A 8 21.50 -22.36 -9.93
N ALA A 9 20.75 -21.36 -10.39
CA ALA A 9 20.70 -20.07 -9.71
C ALA A 9 20.00 -20.24 -8.39
N THR A 10 20.63 -19.65 -7.35
CA THR A 10 20.16 -19.58 -5.98
C THR A 10 19.85 -18.13 -5.62
N SER A 11 19.10 -17.95 -4.55
CA SER A 11 18.95 -16.67 -3.90
C SER A 11 20.27 -15.96 -3.64
N SER A 12 21.28 -16.73 -3.20
CA SER A 12 22.61 -16.28 -3.03
C SER A 12 23.37 -15.90 -4.31
N SER A 13 23.28 -16.70 -5.36
CA SER A 13 24.08 -16.43 -6.53
C SER A 13 23.48 -15.23 -7.22
N TYR A 14 22.17 -15.03 -7.00
CA TYR A 14 21.46 -13.87 -7.53
C TYR A 14 21.89 -12.59 -6.79
N GLY A 15 22.13 -12.69 -5.49
CA GLY A 15 22.58 -11.57 -4.69
C GLY A 15 23.94 -11.16 -5.05
N VAL A 16 24.81 -12.15 -5.30
CA VAL A 16 26.18 -11.90 -5.81
C VAL A 16 26.09 -11.19 -7.15
N PHE A 17 25.15 -11.60 -7.97
CA PHE A 17 24.91 -10.92 -9.27
C PHE A 17 24.57 -9.41 -9.12
N ILE A 18 23.64 -9.13 -8.23
CA ILE A 18 23.14 -7.80 -8.05
C ILE A 18 24.14 -6.93 -7.29
N SER A 19 24.90 -7.48 -6.31
CA SER A 19 26.03 -6.74 -5.75
C SER A 19 27.11 -6.46 -6.77
N ASN A 20 27.36 -7.35 -7.68
CA ASN A 20 28.38 -7.07 -8.74
C ASN A 20 27.87 -5.96 -9.72
N LEU A 21 26.61 -6.01 -10.07
CA LEU A 21 26.03 -4.96 -10.93
C LEU A 21 26.15 -3.57 -10.25
N ARG A 22 25.71 -3.49 -9.01
CA ARG A 22 25.89 -2.26 -8.22
C ARG A 22 27.32 -1.73 -8.21
N LYS A 23 28.24 -2.61 -7.83
CA LYS A 23 29.67 -2.42 -7.86
C LYS A 23 30.26 -2.00 -9.17
N ALA A 24 29.68 -2.39 -10.26
CA ALA A 24 30.16 -1.99 -11.59
C ALA A 24 29.70 -0.53 -11.98
N LEU A 25 28.97 0.16 -11.12
CA LEU A 25 28.46 1.49 -11.46
C LEU A 25 29.35 2.57 -10.85
N PRO A 26 29.89 3.47 -11.65
CA PRO A 26 30.66 4.48 -10.89
C PRO A 26 29.78 5.34 -9.88
N ASN A 27 30.35 5.84 -8.79
CA ASN A 27 29.63 6.87 -7.99
C ASN A 27 30.38 8.14 -7.73
N GLU A 28 29.62 9.22 -7.57
CA GLU A 28 30.12 10.53 -7.20
C GLU A 28 30.67 10.48 -5.80
N ARG A 29 29.97 9.72 -4.94
CA ARG A 29 30.17 9.71 -3.48
C ARG A 29 29.03 8.88 -2.97
N LYS A 30 28.88 8.76 -1.66
CA LYS A 30 27.67 8.21 -1.06
C LYS A 30 26.94 9.22 -0.27
N LEU A 31 25.65 9.03 -0.09
CA LEU A 31 24.91 9.85 0.83
C LEU A 31 24.17 8.90 1.71
N TYR A 32 24.40 9.03 3.00
CA TYR A 32 23.73 8.23 4.01
C TYR A 32 24.13 6.77 3.73
N ASP A 33 25.34 6.60 3.20
CA ASP A 33 25.83 5.31 2.86
C ASP A 33 25.18 4.68 1.66
N ILE A 34 24.40 5.46 0.90
CA ILE A 34 23.76 4.99 -0.32
C ILE A 34 24.56 5.58 -1.55
N PRO A 35 25.16 4.70 -2.39
CA PRO A 35 25.92 5.29 -3.48
C PRO A 35 25.11 6.28 -4.36
N LEU A 36 25.69 7.44 -4.59
CA LEU A 36 25.09 8.41 -5.48
C LEU A 36 25.78 8.28 -6.83
N LEU A 37 24.97 8.00 -7.87
CA LEU A 37 25.52 7.82 -9.19
C LEU A 37 25.97 9.16 -9.79
N ARG A 38 26.85 9.00 -10.77
CA ARG A 38 27.32 10.11 -11.59
C ARG A 38 26.11 10.60 -12.44
N SER A 39 26.08 11.90 -12.70
CA SER A 39 25.09 12.48 -13.51
C SER A 39 25.42 12.19 -14.99
N SER A 40 26.69 12.28 -15.31
CA SER A 40 27.16 12.33 -16.68
C SER A 40 28.52 11.71 -16.82
N LEU A 41 28.73 10.98 -17.91
CA LEU A 41 30.08 10.49 -18.27
C LEU A 41 30.31 10.62 -19.73
N PRO A 42 31.57 10.64 -20.18
CA PRO A 42 31.78 10.64 -21.64
C PRO A 42 31.25 9.36 -22.27
N GLY A 43 30.81 9.41 -23.52
CA GLY A 43 30.13 8.32 -24.19
C GLY A 43 30.94 7.06 -24.11
N SER A 44 32.26 7.21 -24.27
CA SER A 44 33.20 6.09 -24.21
C SER A 44 33.26 5.42 -22.87
N GLN A 45 32.65 6.04 -21.85
CA GLN A 45 32.72 5.50 -20.47
C GLN A 45 31.36 5.22 -19.89
N ARG A 46 30.31 5.56 -20.65
CA ARG A 46 28.96 5.65 -20.12
C ARG A 46 28.16 4.32 -20.10
N TYR A 47 28.61 3.30 -20.85
CA TYR A 47 27.83 2.05 -21.07
C TYR A 47 28.54 0.81 -20.59
N ALA A 48 27.80 -0.12 -20.02
CA ALA A 48 28.41 -1.36 -19.63
C ALA A 48 27.51 -2.47 -20.11
N LEU A 49 28.11 -3.66 -20.23
CA LEU A 49 27.44 -4.88 -20.68
C LEU A 49 27.31 -5.85 -19.56
N ILE A 50 26.07 -6.33 -19.45
CA ILE A 50 25.65 -7.39 -18.54
C ILE A 50 25.30 -8.59 -19.47
N HIS A 51 25.80 -9.78 -19.11
CA HIS A 51 25.60 -11.04 -19.86
C HIS A 51 24.74 -11.98 -19.00
N LEU A 52 23.67 -12.49 -19.61
CA LEU A 52 22.76 -13.38 -18.92
C LEU A 52 22.52 -14.60 -19.75
N THR A 53 22.51 -15.75 -19.08
CA THR A 53 22.60 -17.02 -19.77
C THR A 53 21.48 -17.85 -19.28
N ASN A 54 20.62 -18.32 -20.17
CA ASN A 54 19.45 -19.15 -19.79
C ASN A 54 19.85 -20.68 -19.61
N TYR A 55 18.87 -21.49 -19.19
CA TYR A 55 19.11 -22.92 -18.90
C TYR A 55 19.70 -23.69 -20.12
N ALA A 56 19.39 -23.17 -21.30
CA ALA A 56 19.84 -23.66 -22.57
C ALA A 56 21.17 -23.14 -22.98
N ASP A 57 21.78 -22.32 -22.14
CA ASP A 57 23.11 -21.73 -22.45
C ASP A 57 23.12 -20.77 -23.59
N GLU A 58 21.97 -20.12 -23.76
CA GLU A 58 21.88 -19.07 -24.75
C GLU A 58 22.08 -17.76 -23.95
N THR A 59 22.93 -16.90 -24.50
CA THR A 59 23.35 -15.65 -23.85
C THR A 59 22.81 -14.40 -24.54
N ILE A 60 22.20 -13.51 -23.76
CA ILE A 60 21.94 -12.06 -24.22
C ILE A 60 22.87 -11.09 -23.43
N SER A 61 23.36 -10.10 -24.16
CA SER A 61 24.17 -9.02 -23.62
C SER A 61 23.30 -7.76 -23.55
N VAL A 62 23.22 -7.13 -22.40
CA VAL A 62 22.28 -6.08 -22.13
C VAL A 62 23.14 -4.85 -21.86
N ALA A 63 22.84 -3.75 -22.57
CA ALA A 63 23.63 -2.50 -22.43
C ALA A 63 22.91 -1.61 -21.47
N ILE A 64 23.60 -1.11 -20.47
CA ILE A 64 23.02 -0.17 -19.54
C ILE A 64 23.86 1.06 -19.46
N ASP A 65 23.21 2.17 -19.22
CA ASP A 65 23.86 3.47 -18.99
C ASP A 65 24.25 3.44 -17.51
N VAL A 66 25.53 3.50 -17.20
CA VAL A 66 25.95 3.33 -15.80
C VAL A 66 25.64 4.53 -14.91
N THR A 67 25.18 5.64 -15.50
CA THR A 67 24.79 6.84 -14.72
C THR A 67 23.41 6.70 -14.10
N ASN A 68 22.61 5.77 -14.62
CA ASN A 68 21.21 5.64 -14.19
C ASN A 68 20.66 4.20 -14.20
N VAL A 69 21.52 3.26 -14.58
CA VAL A 69 21.21 1.85 -14.79
C VAL A 69 19.98 1.54 -15.67
N TYR A 70 19.61 2.52 -16.55
CA TYR A 70 18.67 2.27 -17.63
C TYR A 70 19.23 1.38 -18.66
N ILE A 71 18.44 0.38 -19.05
CA ILE A 71 18.78 -0.51 -20.11
C ILE A 71 18.57 0.24 -21.44
N MET A 72 19.61 0.30 -22.24
CA MET A 72 19.54 0.93 -23.57
C MET A 72 19.14 -0.01 -24.74
N GLY A 73 19.57 -1.24 -24.60
CA GLY A 73 19.26 -2.23 -25.60
C GLY A 73 19.99 -3.51 -25.19
N TYR A 74 19.81 -4.53 -26.02
CA TYR A 74 20.35 -5.85 -25.83
C TYR A 74 20.78 -6.38 -27.17
N ARG A 75 21.67 -7.37 -27.07
CA ARG A 75 22.17 -8.11 -28.16
C ARG A 75 21.99 -9.65 -27.93
N ALA A 76 21.56 -10.33 -29.01
CA ALA A 76 21.37 -11.79 -29.08
C ALA A 76 21.98 -12.23 -30.45
N GLY A 77 23.04 -13.03 -30.41
CA GLY A 77 23.77 -13.39 -31.57
C GLY A 77 24.16 -12.18 -32.38
N ASP A 78 23.83 -12.20 -33.66
CA ASP A 78 24.20 -11.12 -34.61
C ASP A 78 23.31 -9.95 -34.66
N THR A 79 22.31 -9.90 -33.76
CA THR A 79 21.24 -8.87 -33.79
C THR A 79 21.32 -8.01 -32.50
N SER A 80 21.34 -6.69 -32.66
CA SER A 80 21.16 -5.72 -31.56
C SER A 80 19.70 -5.17 -31.67
N TYR A 81 19.14 -4.76 -30.51
CA TYR A 81 17.74 -4.35 -30.32
C TYR A 81 17.89 -3.16 -29.36
N PHE A 82 17.48 -1.96 -29.80
CA PHE A 82 17.64 -0.79 -28.98
C PHE A 82 16.31 -0.17 -28.82
N PHE A 83 16.09 0.41 -27.64
CA PHE A 83 14.88 1.14 -27.38
C PHE A 83 14.71 2.32 -28.40
N ASN A 84 13.48 2.62 -28.76
CA ASN A 84 13.25 3.76 -29.65
C ASN A 84 13.16 5.05 -28.86
N GLU A 85 14.32 5.58 -28.51
CA GLU A 85 14.46 6.76 -27.71
C GLU A 85 15.86 7.27 -27.89
N ALA A 86 16.07 8.57 -27.61
CA ALA A 86 17.33 9.24 -27.94
C ALA A 86 18.53 8.70 -27.14
N SER A 87 18.25 8.32 -25.89
CA SER A 87 19.26 7.81 -25.02
C SER A 87 19.90 6.54 -25.62
N ALA A 88 19.09 5.74 -26.31
CA ALA A 88 19.52 4.46 -26.88
C ALA A 88 20.14 4.63 -28.25
N THR A 89 19.69 5.64 -28.99
CA THR A 89 20.27 5.97 -30.30
C THR A 89 21.71 6.39 -30.08
N GLU A 90 21.91 7.15 -28.98
CA GLU A 90 23.23 7.56 -28.56
C GLU A 90 24.11 6.36 -28.13
N ALA A 91 23.55 5.48 -27.28
CA ALA A 91 24.29 4.28 -26.88
C ALA A 91 24.72 3.39 -28.05
N ALA A 92 23.92 3.40 -29.10
CA ALA A 92 24.13 2.54 -30.28
C ALA A 92 25.31 3.01 -31.10
N LYS A 93 25.86 4.17 -30.76
CA LYS A 93 27.15 4.64 -31.32
C LYS A 93 28.31 3.98 -30.66
N TYR A 94 28.09 3.37 -29.52
CA TYR A 94 29.23 2.84 -28.68
C TYR A 94 29.20 1.34 -28.44
N VAL A 95 28.00 0.80 -28.46
CA VAL A 95 27.80 -0.60 -28.12
C VAL A 95 27.15 -1.41 -29.20
N PHE A 96 27.54 -2.68 -29.25
CA PHE A 96 27.02 -3.68 -30.19
C PHE A 96 27.29 -3.27 -31.66
N LYS A 97 28.48 -2.72 -31.92
CA LYS A 97 28.73 -2.16 -33.23
C LYS A 97 28.96 -3.17 -34.34
N ASP A 98 29.44 -4.34 -33.97
CA ASP A 98 29.65 -5.41 -34.92
C ASP A 98 28.38 -6.27 -35.11
N ALA A 99 27.26 -5.86 -34.53
CA ALA A 99 25.99 -6.57 -34.76
C ALA A 99 25.64 -6.42 -36.25
N MET A 100 25.42 -7.56 -36.90
CA MET A 100 25.14 -7.58 -38.32
C MET A 100 23.76 -6.97 -38.56
N ARG A 101 22.82 -7.22 -37.66
CA ARG A 101 21.47 -6.76 -37.81
C ARG A 101 21.17 -5.88 -36.66
N LYS A 102 20.63 -4.72 -36.98
CA LYS A 102 20.33 -3.72 -35.97
C LYS A 102 18.79 -3.47 -36.03
N VAL A 103 18.11 -3.79 -34.93
CA VAL A 103 16.65 -3.59 -34.84
C VAL A 103 16.37 -2.40 -33.89
N THR A 104 15.43 -1.53 -34.22
CA THR A 104 14.85 -0.57 -33.31
C THR A 104 13.53 -1.06 -32.78
N LEU A 105 13.47 -1.29 -31.46
CA LEU A 105 12.28 -1.77 -30.80
C LEU A 105 11.18 -0.74 -31.02
N PRO A 106 9.90 -1.20 -31.13
CA PRO A 106 8.82 -0.31 -31.48
C PRO A 106 8.34 0.50 -30.27
N TYR A 107 9.11 0.54 -29.17
CA TYR A 107 8.75 1.32 -28.01
C TYR A 107 10.03 1.95 -27.35
N SER A 108 9.80 2.98 -26.54
CA SER A 108 10.80 3.55 -25.65
C SER A 108 10.99 2.65 -24.40
N GLY A 109 12.04 2.84 -23.61
CA GLY A 109 12.14 2.19 -22.32
C GLY A 109 11.41 2.97 -21.21
N ASN A 110 10.13 2.69 -21.08
CA ASN A 110 9.25 3.45 -20.24
C ASN A 110 8.20 2.45 -20.00
N TYR A 111 7.81 2.27 -18.73
CA TYR A 111 6.84 1.26 -18.37
C TYR A 111 5.48 1.47 -18.98
N GLU A 112 5.03 2.70 -19.23
CA GLU A 112 3.73 2.94 -19.83
C GLU A 112 3.63 2.41 -21.27
N ARG A 113 4.63 2.73 -22.06
CA ARG A 113 4.77 2.20 -23.38
C ARG A 113 5.03 0.69 -23.42
N LEU A 114 5.81 0.17 -22.47
CA LEU A 114 6.06 -1.22 -22.44
C LEU A 114 4.78 -1.94 -22.04
N GLN A 115 4.03 -1.40 -21.08
CA GLN A 115 2.82 -2.05 -20.73
C GLN A 115 1.79 -2.06 -21.84
N THR A 116 1.76 -0.99 -22.65
CA THR A 116 0.78 -0.88 -23.72
C THR A 116 1.13 -1.92 -24.71
N ALA A 117 2.42 -1.97 -25.08
CA ALA A 117 2.98 -2.96 -26.01
C ALA A 117 2.80 -4.38 -25.49
N ALA A 118 2.90 -4.63 -24.19
CA ALA A 118 2.67 -5.99 -23.73
C ALA A 118 1.17 -6.39 -23.57
N GLY A 119 0.29 -5.39 -23.57
CA GLY A 119 -1.10 -5.58 -23.16
C GLY A 119 -1.25 -6.09 -21.73
N LYS A 120 -0.36 -5.64 -20.86
CA LYS A 120 -0.20 -6.21 -19.51
C LYS A 120 0.41 -5.19 -18.54
N ILE A 121 -0.15 -5.08 -17.36
CA ILE A 121 0.44 -4.22 -16.33
C ILE A 121 1.42 -5.16 -15.61
N ARG A 122 2.49 -4.57 -15.03
CA ARG A 122 3.45 -5.28 -14.23
C ARG A 122 2.95 -6.15 -13.10
N GLU A 123 1.90 -5.68 -12.46
CA GLU A 123 1.29 -6.43 -11.42
C GLU A 123 0.79 -7.80 -11.91
N ASN A 124 0.70 -8.04 -13.22
CA ASN A 124 0.35 -9.35 -13.72
C ASN A 124 1.39 -10.05 -14.51
N ILE A 125 2.66 -9.64 -14.39
CA ILE A 125 3.75 -10.33 -15.06
C ILE A 125 4.58 -11.07 -14.04
N PRO A 126 4.69 -12.38 -14.16
CA PRO A 126 5.47 -12.99 -13.10
C PRO A 126 6.94 -12.64 -13.01
N LEU A 127 7.40 -12.64 -11.78
CA LEU A 127 8.83 -12.46 -11.53
C LEU A 127 9.40 -13.63 -10.75
N GLY A 128 10.72 -13.65 -10.61
CA GLY A 128 11.43 -14.83 -10.12
C GLY A 128 12.56 -15.23 -11.06
N LEU A 129 13.45 -16.07 -10.57
CA LEU A 129 14.52 -16.55 -11.39
C LEU A 129 14.03 -17.36 -12.63
N PRO A 130 13.02 -18.28 -12.49
CA PRO A 130 12.48 -18.91 -13.71
C PRO A 130 11.84 -17.89 -14.66
N ALA A 131 11.16 -16.84 -14.12
CA ALA A 131 10.68 -15.75 -14.99
C ALA A 131 11.83 -15.09 -15.79
N LEU A 132 12.97 -14.84 -15.14
CA LEU A 132 14.10 -14.27 -15.80
C LEU A 132 14.61 -15.18 -16.84
N ASP A 133 14.61 -16.48 -16.56
CA ASP A 133 15.04 -17.44 -17.61
C ASP A 133 14.13 -17.40 -18.84
N SER A 134 12.83 -17.27 -18.69
CA SER A 134 11.95 -17.24 -19.89
C SER A 134 12.07 -15.96 -20.64
N ALA A 135 12.34 -14.90 -19.89
CA ALA A 135 12.64 -13.59 -20.50
C ALA A 135 13.83 -13.70 -21.40
N ILE A 136 14.90 -14.33 -20.92
CA ILE A 136 16.12 -14.40 -21.70
C ILE A 136 15.86 -15.10 -23.01
N THR A 137 15.22 -16.26 -22.90
CA THR A 137 14.82 -17.11 -24.03
C THR A 137 13.94 -16.30 -25.00
N THR A 138 12.88 -15.69 -24.50
CA THR A 138 11.98 -14.85 -25.32
C THR A 138 12.73 -13.78 -26.10
N LEU A 139 13.68 -13.15 -25.43
CA LEU A 139 14.52 -12.09 -26.04
C LEU A 139 15.64 -12.59 -26.98
N PHE A 140 16.22 -13.76 -26.65
CA PHE A 140 17.16 -14.43 -27.53
C PHE A 140 16.60 -14.75 -28.97
N TYR A 141 15.30 -15.06 -29.04
CA TYR A 141 14.67 -15.35 -30.29
C TYR A 141 13.85 -14.15 -30.81
N TYR A 142 13.80 -13.04 -30.07
CA TYR A 142 12.93 -11.89 -30.36
C TYR A 142 11.52 -12.23 -30.95
N ASN A 143 10.68 -12.84 -30.11
CA ASN A 143 9.23 -12.78 -30.27
C ASN A 143 8.84 -11.31 -30.17
N ALA A 144 8.60 -10.58 -31.25
CA ALA A 144 8.06 -9.22 -31.13
C ALA A 144 6.70 -9.09 -30.34
N ASN A 145 5.99 -10.21 -30.13
CA ASN A 145 4.67 -10.18 -29.41
C ASN A 145 4.84 -10.55 -27.95
N SER A 146 5.96 -11.20 -27.62
CA SER A 146 6.25 -11.43 -26.25
C SER A 146 7.43 -10.60 -25.68
N ALA A 147 8.09 -9.76 -26.50
CA ALA A 147 9.32 -9.09 -26.09
C ALA A 147 9.16 -8.00 -25.05
N ALA A 148 8.08 -7.21 -25.15
CA ALA A 148 7.86 -6.09 -24.24
C ALA A 148 7.66 -6.53 -22.72
N SER A 149 6.83 -7.58 -22.54
CA SER A 149 6.68 -8.27 -21.26
C SER A 149 8.05 -8.74 -20.70
N ALA A 150 8.83 -9.40 -21.59
CA ALA A 150 10.09 -9.98 -21.22
C ALA A 150 11.12 -8.87 -20.96
N LEU A 151 10.96 -7.70 -21.57
CA LEU A 151 11.82 -6.55 -21.23
C LEU A 151 11.45 -6.01 -19.85
N MET A 152 10.15 -6.02 -19.49
CA MET A 152 9.75 -5.65 -18.11
C MET A 152 10.26 -6.62 -17.10
N VAL A 153 10.22 -7.93 -17.32
CA VAL A 153 10.93 -8.87 -16.43
C VAL A 153 12.42 -8.57 -16.26
N LEU A 154 13.10 -8.39 -17.40
CA LEU A 154 14.50 -8.18 -17.45
C LEU A 154 14.91 -6.89 -16.64
N ILE A 155 14.18 -5.81 -16.93
CA ILE A 155 14.36 -4.51 -16.30
C ILE A 155 14.27 -4.66 -14.81
N GLN A 156 13.19 -5.31 -14.32
CA GLN A 156 12.98 -5.36 -12.91
C GLN A 156 13.99 -6.25 -12.16
N SER A 157 14.52 -7.24 -12.86
CA SER A 157 15.42 -8.25 -12.29
C SER A 157 16.88 -7.83 -12.32
N THR A 158 17.14 -6.71 -12.94
CA THR A 158 18.49 -6.14 -13.05
C THR A 158 18.43 -4.72 -12.44
N SER A 159 17.95 -3.76 -13.24
CA SER A 159 17.87 -2.31 -12.98
C SER A 159 17.24 -2.12 -11.61
N GLU A 160 16.05 -2.68 -11.47
CA GLU A 160 15.21 -2.40 -10.27
C GLU A 160 15.73 -3.03 -9.03
N ALA A 161 16.05 -4.32 -9.14
CA ALA A 161 16.81 -5.08 -8.11
C ALA A 161 18.07 -4.43 -7.62
N ALA A 162 18.89 -3.92 -8.57
CA ALA A 162 20.03 -3.07 -8.27
C ALA A 162 19.72 -1.83 -7.43
N ARG A 163 18.56 -1.20 -7.72
CA ARG A 163 18.15 0.05 -7.05
C ARG A 163 17.51 -0.13 -5.64
N TYR A 164 16.90 -1.27 -5.42
CA TYR A 164 16.16 -1.53 -4.17
C TYR A 164 16.44 -2.95 -3.62
N LYS A 165 17.00 -3.03 -2.42
CA LYS A 165 17.17 -4.33 -1.72
C LYS A 165 15.87 -5.12 -1.59
N PHE A 166 14.70 -4.46 -1.55
CA PHE A 166 13.51 -5.18 -1.32
C PHE A 166 13.13 -6.00 -2.61
N ILE A 167 13.37 -5.35 -3.76
CA ILE A 167 13.11 -5.89 -5.07
C ILE A 167 14.03 -7.06 -5.29
N GLU A 168 15.33 -6.83 -5.06
CA GLU A 168 16.35 -7.90 -5.11
C GLU A 168 15.92 -9.16 -4.33
N GLN A 169 15.74 -9.01 -3.03
CA GLN A 169 15.39 -10.11 -2.19
C GLN A 169 14.12 -10.87 -2.62
N GLN A 170 13.10 -10.12 -3.02
CA GLN A 170 11.85 -10.68 -3.41
C GLN A 170 11.93 -11.52 -4.68
N ILE A 171 12.73 -11.09 -5.64
CA ILE A 171 12.93 -11.84 -6.87
C ILE A 171 13.80 -13.08 -6.63
N GLY A 172 14.92 -12.90 -5.93
CA GLY A 172 15.90 -13.91 -5.73
C GLY A 172 15.45 -15.00 -4.81
N LYS A 173 14.37 -14.78 -4.04
CA LYS A 173 13.80 -15.75 -3.18
C LYS A 173 12.95 -16.76 -3.98
N ARG A 174 12.41 -16.32 -5.13
CA ARG A 174 11.75 -17.22 -6.07
C ARG A 174 12.77 -17.88 -7.01
N VAL A 175 13.26 -19.01 -6.51
CA VAL A 175 14.30 -19.79 -7.12
C VAL A 175 13.73 -20.88 -8.06
N ASP A 176 12.63 -21.48 -7.67
CA ASP A 176 11.99 -22.54 -8.48
C ASP A 176 10.52 -22.26 -8.74
N LYS A 177 10.08 -21.04 -8.49
CA LYS A 177 8.73 -20.64 -8.80
C LYS A 177 8.80 -19.17 -9.16
N THR A 178 7.64 -18.65 -9.53
CA THR A 178 7.47 -17.26 -9.86
C THR A 178 6.46 -16.66 -8.89
N PHE A 179 6.35 -15.30 -8.91
CA PHE A 179 5.44 -14.50 -8.09
C PHE A 179 4.97 -13.25 -8.83
N LEU A 180 3.85 -12.73 -8.43
CA LEU A 180 3.29 -11.55 -9.03
C LEU A 180 3.74 -10.38 -8.17
N PRO A 181 4.41 -9.37 -8.77
CA PRO A 181 4.98 -8.34 -7.88
C PRO A 181 3.92 -7.48 -7.18
N SER A 182 4.13 -7.19 -5.90
CA SER A 182 3.15 -6.35 -5.15
C SER A 182 3.10 -4.87 -5.66
N LEU A 183 2.05 -4.14 -5.31
CA LEU A 183 2.05 -2.70 -5.49
C LEU A 183 3.27 -1.97 -4.84
N ALA A 184 3.78 -2.54 -3.73
CA ALA A 184 4.99 -2.04 -3.02
C ALA A 184 6.19 -1.93 -3.96
N ILE A 185 6.43 -3.02 -4.66
CA ILE A 185 7.52 -3.12 -5.68
C ILE A 185 7.37 -2.11 -6.80
N ILE A 186 6.17 -2.07 -7.35
CA ILE A 186 5.79 -1.10 -8.37
C ILE A 186 6.02 0.32 -7.91
N SER A 187 5.49 0.65 -6.71
CA SER A 187 5.70 1.99 -6.08
C SER A 187 7.13 2.35 -6.00
N LEU A 188 7.97 1.43 -5.55
CA LEU A 188 9.39 1.70 -5.41
C LEU A 188 10.05 2.02 -6.78
N GLU A 189 9.69 1.23 -7.79
CA GLU A 189 10.16 1.47 -9.16
C GLU A 189 9.71 2.86 -9.66
N ASN A 190 8.43 3.15 -9.55
CA ASN A 190 7.88 4.44 -9.99
C ASN A 190 8.52 5.61 -9.28
N SER A 191 8.83 5.45 -8.00
CA SER A 191 9.25 6.55 -7.14
C SER A 191 10.70 6.77 -7.04
N TRP A 192 11.53 6.07 -7.86
CA TRP A 192 13.03 6.05 -7.66
C TRP A 192 13.72 7.39 -7.88
N SER A 193 13.18 8.11 -8.87
CA SER A 193 13.78 9.34 -9.33
C SER A 193 13.45 10.39 -8.27
N ALA A 194 12.20 10.39 -7.82
CA ALA A 194 11.79 11.35 -6.83
C ALA A 194 12.35 11.08 -5.51
N LEU A 195 12.42 9.82 -5.07
CA LEU A 195 13.01 9.55 -3.75
C LEU A 195 14.45 9.94 -3.73
N SER A 196 15.16 9.55 -4.81
CA SER A 196 16.56 9.87 -4.99
C SER A 196 16.77 11.34 -4.88
N LYS A 197 15.94 12.10 -5.64
CA LYS A 197 16.05 13.54 -5.60
C LYS A 197 15.84 14.04 -4.17
N GLN A 198 14.87 13.49 -3.44
CA GLN A 198 14.61 14.00 -2.11
C GLN A 198 15.74 13.72 -1.08
N ILE A 199 16.42 12.61 -1.24
CA ILE A 199 17.48 12.24 -0.37
C ILE A 199 18.65 13.15 -0.60
N GLN A 200 18.90 13.48 -1.88
CA GLN A 200 19.93 14.51 -2.21
C GLN A 200 19.70 15.86 -1.54
N ILE A 201 18.49 16.35 -1.69
CA ILE A 201 18.08 17.58 -1.03
C ILE A 201 18.18 17.47 0.48
N ALA A 202 17.76 16.34 1.04
CA ALA A 202 17.82 16.18 2.48
C ALA A 202 19.22 16.35 2.98
N SER A 203 20.23 16.06 2.13
CA SER A 203 21.66 16.02 2.53
C SER A 203 22.22 17.39 2.86
N THR A 204 21.53 18.44 2.36
CA THR A 204 21.89 19.84 2.66
C THR A 204 20.68 20.51 3.30
N ASN A 205 19.78 19.73 3.91
CA ASN A 205 18.57 20.19 4.49
C ASN A 205 18.25 19.44 5.74
N ASN A 206 19.28 19.10 6.51
CA ASN A 206 19.19 18.33 7.75
C ASN A 206 18.38 17.13 7.78
N GLY A 207 18.40 16.41 6.66
CA GLY A 207 17.74 15.12 6.61
C GLY A 207 16.27 15.21 6.34
N GLN A 208 15.78 16.45 6.14
CA GLN A 208 14.41 16.69 5.68
C GLN A 208 14.25 16.75 4.15
N PHE A 209 13.24 16.03 3.71
CA PHE A 209 12.76 16.18 2.35
C PHE A 209 12.12 17.60 2.23
N GLU A 210 12.25 18.16 1.06
CA GLU A 210 11.50 19.36 0.67
C GLU A 210 10.08 19.04 0.22
N SER A 211 9.91 17.86 -0.36
CA SER A 211 8.65 17.38 -0.85
C SER A 211 8.46 15.93 -0.46
N PRO A 212 7.42 15.62 0.34
CA PRO A 212 6.90 14.24 0.53
C PRO A 212 6.96 13.36 -0.75
N VAL A 213 7.34 12.11 -0.59
CA VAL A 213 7.25 11.08 -1.61
C VAL A 213 6.26 10.07 -1.03
N VAL A 214 5.18 9.79 -1.75
CA VAL A 214 4.20 8.80 -1.34
C VAL A 214 4.53 7.42 -1.94
N LEU A 215 4.76 6.46 -1.06
CA LEU A 215 4.98 5.08 -1.41
C LEU A 215 3.79 4.21 -0.95
N ILE A 216 3.71 3.01 -1.56
CA ILE A 216 2.78 1.97 -1.13
C ILE A 216 3.66 0.92 -0.45
N ASN A 217 3.27 0.54 0.77
CA ASN A 217 3.98 -0.44 1.51
C ASN A 217 3.47 -1.84 1.20
N ALA A 218 4.02 -2.85 1.86
CA ALA A 218 3.66 -4.22 1.55
C ALA A 218 2.24 -4.62 2.04
N GLN A 219 1.58 -3.76 2.83
CA GLN A 219 0.20 -3.94 3.21
C GLN A 219 -0.69 -3.11 2.34
N ASN A 220 -0.13 -2.57 1.28
CA ASN A 220 -0.92 -1.76 0.31
C ASN A 220 -1.38 -0.39 0.81
N GLN A 221 -0.77 0.06 1.91
CA GLN A 221 -1.08 1.34 2.52
C GLN A 221 -0.27 2.45 1.87
N ARG A 222 -0.90 3.61 1.68
CA ARG A 222 -0.23 4.80 1.19
C ARG A 222 0.49 5.42 2.36
N VAL A 223 1.82 5.53 2.21
CA VAL A 223 2.73 6.08 3.24
C VAL A 223 3.64 7.17 2.70
N THR A 224 3.91 8.17 3.54
CA THR A 224 4.47 9.42 3.11
C THR A 224 5.87 9.48 3.65
N ILE A 225 6.81 9.65 2.76
CA ILE A 225 8.23 9.68 3.15
C ILE A 225 8.63 11.13 3.08
N THR A 226 9.11 11.61 4.20
CA THR A 226 9.51 13.04 4.34
C THR A 226 10.89 13.27 4.94
N ASN A 227 11.63 12.18 5.21
CA ASN A 227 12.94 12.29 5.88
C ASN A 227 13.82 11.00 5.80
N VAL A 228 15.07 11.13 6.23
CA VAL A 228 16.07 10.02 6.13
C VAL A 228 16.06 8.89 7.17
N ASP A 229 15.08 8.97 8.09
CA ASP A 229 14.83 7.89 9.02
C ASP A 229 13.79 6.88 8.51
N ALA A 230 13.08 7.20 7.43
CA ALA A 230 12.25 6.19 6.67
C ALA A 230 13.02 4.89 6.40
N GLY A 231 12.40 3.73 6.64
CA GLY A 231 12.99 2.41 6.23
C GLY A 231 13.44 2.32 4.75
N VAL A 232 12.77 3.04 3.86
CA VAL A 232 13.14 2.99 2.48
C VAL A 232 14.48 3.62 2.30
N VAL A 233 14.86 4.60 3.15
CA VAL A 233 16.21 5.25 3.05
C VAL A 233 17.33 4.43 3.76
N THR A 234 17.00 3.86 4.91
CA THR A 234 18.00 3.24 5.76
C THR A 234 18.20 1.78 5.42
N SER A 235 17.19 1.13 4.81
CA SER A 235 17.18 -0.34 4.70
C SER A 235 16.55 -0.83 3.37
N ASN A 236 16.71 -0.08 2.26
CA ASN A 236 16.14 -0.55 1.02
C ASN A 236 16.82 0.01 -0.21
N ILE A 237 16.67 1.30 -0.43
CA ILE A 237 17.33 1.96 -1.55
C ILE A 237 18.84 1.75 -1.47
N ALA A 238 19.38 1.40 -2.64
CA ALA A 238 20.76 0.97 -2.73
C ALA A 238 21.53 1.81 -3.77
N LEU A 239 20.83 2.64 -4.57
CA LEU A 239 21.42 3.51 -5.54
C LEU A 239 20.56 4.77 -5.61
N LEU A 240 21.20 5.96 -5.72
CA LEU A 240 20.51 7.28 -5.91
C LEU A 240 20.75 7.77 -7.34
N LEU A 241 19.68 7.97 -8.08
CA LEU A 241 19.70 8.69 -9.33
C LEU A 241 20.15 10.10 -9.03
N ASN A 242 21.20 10.54 -9.74
CA ASN A 242 21.65 11.89 -9.54
C ASN A 242 20.63 12.91 -10.07
N ARG A 243 20.37 13.95 -9.32
CA ARG A 243 19.42 15.00 -9.79
C ARG A 243 19.80 15.68 -11.11
N ASN A 244 21.10 15.73 -11.40
CA ASN A 244 21.66 16.25 -12.65
C ASN A 244 21.88 15.25 -13.76
N ASN A 245 21.39 14.03 -13.61
CA ASN A 245 21.37 13.06 -14.72
C ASN A 245 20.50 13.52 -15.88
N MET A 246 19.55 14.42 -15.62
CA MET A 246 18.91 15.17 -16.67
C MET A 246 18.69 16.67 -16.32
N ALA A 247 18.84 17.54 -17.33
CA ALA A 247 18.56 19.01 -17.27
C ALA A 247 17.23 19.42 -16.59
N MET B 1 1.35 0.91 10.77
CA MET B 1 0.58 1.51 11.95
C MET B 1 -0.07 2.86 11.72
N VAL B 2 -1.38 2.91 11.77
CA VAL B 2 -2.11 4.04 11.12
C VAL B 2 -2.37 5.23 12.03
N SER B 3 -1.90 6.37 11.61
CA SER B 3 -2.06 7.62 12.33
C SER B 3 -2.82 8.63 11.49
N PHE B 4 -3.53 9.51 12.20
CA PHE B 4 -4.30 10.60 11.65
C PHE B 4 -4.06 11.83 12.52
N ARG B 5 -3.62 12.92 11.91
CA ARG B 5 -3.49 14.25 12.58
C ARG B 5 -4.64 15.11 12.15
N LEU B 6 -5.36 15.66 13.10
CA LEU B 6 -6.52 16.46 12.79
C LEU B 6 -6.13 17.82 12.21
N SER B 7 -4.87 18.20 12.41
CA SER B 7 -4.48 19.57 12.19
C SER B 7 -3.95 19.71 10.73
N GLY B 8 -4.66 20.52 9.94
CA GLY B 8 -4.50 20.54 8.49
C GLY B 8 -5.15 19.33 7.77
N ALA B 9 -6.03 18.59 8.48
CA ALA B 9 -6.84 17.51 7.91
C ALA B 9 -7.75 18.01 6.79
N THR B 10 -7.79 17.24 5.70
CA THR B 10 -8.62 17.53 4.51
C THR B 10 -9.50 16.30 4.23
N SER B 11 -10.47 16.44 3.33
CA SER B 11 -11.25 15.26 2.84
C SER B 11 -10.32 14.17 2.35
N SER B 12 -9.33 14.58 1.60
CA SER B 12 -8.29 13.75 1.11
C SER B 12 -7.36 13.07 2.13
N SER B 13 -6.85 13.78 3.16
CA SER B 13 -6.02 13.16 4.19
C SER B 13 -6.87 12.25 5.13
N TYR B 14 -8.15 12.56 5.30
CA TYR B 14 -9.16 11.66 5.93
C TYR B 14 -9.37 10.36 5.10
N GLY B 15 -9.44 10.49 3.77
CA GLY B 15 -9.66 9.39 2.85
C GLY B 15 -8.49 8.44 2.95
N VAL B 16 -7.28 8.99 3.11
CA VAL B 16 -6.04 8.20 3.11
C VAL B 16 -6.08 7.42 4.41
N PHE B 17 -6.30 8.12 5.50
CA PHE B 17 -6.41 7.53 6.84
C PHE B 17 -7.28 6.25 6.89
N ILE B 18 -8.50 6.40 6.39
CA ILE B 18 -9.53 5.38 6.40
C ILE B 18 -9.26 4.22 5.44
N SER B 19 -8.73 4.52 4.22
CA SER B 19 -8.23 3.52 3.31
C SER B 19 -7.15 2.74 3.95
N ASN B 20 -6.21 3.41 4.57
CA ASN B 20 -5.16 2.71 5.28
C ASN B 20 -5.60 1.88 6.45
N LEU B 21 -6.51 2.44 7.20
CA LEU B 21 -7.19 1.70 8.24
C LEU B 21 -7.81 0.38 7.72
N ARG B 22 -8.66 0.42 6.69
CA ARG B 22 -9.17 -0.82 6.06
C ARG B 22 -8.09 -1.78 5.63
N LYS B 23 -7.00 -1.23 5.07
CA LYS B 23 -5.84 -2.03 4.62
C LYS B 23 -5.00 -2.55 5.76
N ALA B 24 -5.28 -2.11 7.00
CA ALA B 24 -4.62 -2.70 8.15
C ALA B 24 -5.29 -4.02 8.62
N LEU B 25 -6.45 -4.32 8.06
CA LEU B 25 -7.29 -5.44 8.50
C LEU B 25 -6.95 -6.65 7.64
N PRO B 26 -6.50 -7.76 8.23
CA PRO B 26 -6.39 -8.94 7.36
C PRO B 26 -7.73 -9.39 6.70
N ASN B 27 -7.65 -9.93 5.49
CA ASN B 27 -8.80 -10.46 4.72
C ASN B 27 -8.78 -11.95 4.59
N GLU B 28 -9.91 -12.61 4.84
CA GLU B 28 -10.03 -14.00 4.49
C GLU B 28 -9.99 -14.16 2.92
N ARG B 29 -10.53 -13.16 2.20
CA ARG B 29 -10.70 -13.16 0.75
C ARG B 29 -11.51 -11.88 0.45
N LYS B 30 -11.97 -11.72 -0.78
CA LYS B 30 -12.94 -10.72 -1.18
C LYS B 30 -14.19 -11.43 -1.72
N LEU B 31 -15.39 -10.89 -1.49
CA LEU B 31 -16.61 -11.38 -2.13
C LEU B 31 -17.17 -10.17 -2.85
N TYR B 32 -17.46 -10.30 -4.11
CA TYR B 32 -17.96 -9.18 -4.88
C TYR B 32 -17.05 -7.90 -4.74
N ASP B 33 -15.75 -8.15 -4.72
CA ASP B 33 -14.69 -7.16 -4.57
C ASP B 33 -14.67 -6.40 -3.25
N ILE B 34 -15.44 -6.84 -2.26
CA ILE B 34 -15.44 -6.34 -0.93
C ILE B 34 -14.60 -7.26 -0.03
N PRO B 35 -13.59 -6.74 0.69
CA PRO B 35 -12.86 -7.53 1.66
C PRO B 35 -13.71 -8.22 2.75
N LEU B 36 -13.45 -9.52 2.90
CA LEU B 36 -14.05 -10.29 3.93
C LEU B 36 -13.03 -10.42 5.00
N LEU B 37 -13.41 -9.98 6.17
CA LEU B 37 -12.57 -10.03 7.35
C LEU B 37 -12.42 -11.48 7.86
N ARG B 38 -11.30 -11.76 8.52
CA ARG B 38 -11.11 -13.06 9.12
C ARG B 38 -12.11 -13.11 10.28
N SER B 39 -12.63 -14.30 10.55
CA SER B 39 -13.46 -14.52 11.73
C SER B 39 -12.60 -14.45 13.02
N SER B 40 -11.37 -14.94 12.90
CA SER B 40 -10.57 -15.30 14.09
C SER B 40 -9.09 -15.18 13.83
N LEU B 41 -8.37 -14.60 14.81
CA LEU B 41 -6.92 -14.60 14.74
C LEU B 41 -6.26 -14.90 16.10
N PRO B 42 -5.04 -15.42 16.11
CA PRO B 42 -4.52 -15.58 17.51
C PRO B 42 -4.38 -14.23 18.19
N GLY B 43 -4.34 -14.23 19.48
CA GLY B 43 -4.44 -12.98 20.25
C GLY B 43 -3.34 -12.03 20.00
N SER B 44 -2.19 -12.59 19.65
CA SER B 44 -1.03 -11.83 19.30
C SER B 44 -1.09 -11.16 17.93
N GLN B 45 -2.02 -11.54 17.08
CA GLN B 45 -2.23 -10.87 15.84
C GLN B 45 -3.60 -10.15 15.71
N ARG B 46 -4.42 -10.20 16.77
CA ARG B 46 -5.83 -9.78 16.70
C ARG B 46 -6.07 -8.32 16.83
N TYR B 47 -5.11 -7.55 17.36
CA TYR B 47 -5.33 -6.15 17.77
C TYR B 47 -4.38 -5.20 17.00
N ALA B 48 -4.89 -4.06 16.54
CA ALA B 48 -4.05 -3.02 15.97
C ALA B 48 -4.29 -1.74 16.77
N LEU B 49 -3.24 -0.89 16.81
CA LEU B 49 -3.31 0.51 17.27
C LEU B 49 -3.34 1.54 16.17
N ILE B 50 -4.26 2.46 16.39
CA ILE B 50 -4.59 3.61 15.52
C ILE B 50 -4.33 4.88 16.42
N HIS B 51 -3.55 5.83 15.92
CA HIS B 51 -3.20 7.02 16.69
C HIS B 51 -3.85 8.21 16.08
N LEU B 52 -4.58 8.95 16.89
CA LEU B 52 -5.25 10.15 16.48
C LEU B 52 -4.77 11.34 17.31
N THR B 53 -4.34 12.40 16.61
CA THR B 53 -3.76 13.59 17.24
C THR B 53 -4.66 14.82 16.99
N ASN B 54 -5.09 15.47 18.08
CA ASN B 54 -5.94 16.67 17.95
C ASN B 54 -5.08 17.94 17.56
N TYR B 55 -5.76 19.07 17.38
CA TYR B 55 -5.09 20.35 17.01
C TYR B 55 -4.00 20.80 17.98
N ALA B 56 -4.20 20.41 19.25
CA ALA B 56 -3.29 20.67 20.35
C ALA B 56 -2.19 19.69 20.44
N ASP B 57 -2.08 18.79 19.46
CA ASP B 57 -0.97 17.84 19.38
C ASP B 57 -0.99 16.81 20.52
N GLU B 58 -2.20 16.53 21.05
CA GLU B 58 -2.42 15.46 22.06
C GLU B 58 -2.97 14.23 21.30
N THR B 59 -2.40 13.07 21.61
CA THR B 59 -2.66 11.85 20.92
C THR B 59 -3.36 10.84 21.82
N ILE B 60 -4.37 10.21 21.23
CA ILE B 60 -4.92 8.95 21.71
C ILE B 60 -4.53 7.76 20.84
N SER B 61 -4.31 6.64 21.50
CA SER B 61 -4.07 5.38 20.82
C SER B 61 -5.32 4.54 20.97
N VAL B 62 -5.84 4.06 19.85
CA VAL B 62 -7.08 3.32 19.86
C VAL B 62 -6.79 1.91 19.46
N ALA B 63 -7.23 0.96 20.30
CA ALA B 63 -7.09 -0.49 20.06
C ALA B 63 -8.32 -1.03 19.43
N ILE B 64 -8.09 -1.73 18.32
CA ILE B 64 -9.14 -2.29 17.50
C ILE B 64 -8.93 -3.79 17.32
N ASP B 65 -10.01 -4.56 17.27
CA ASP B 65 -9.94 -5.99 16.99
C ASP B 65 -9.98 -6.04 15.45
N VAL B 66 -8.90 -6.43 14.81
CA VAL B 66 -8.86 -6.33 13.32
C VAL B 66 -9.80 -7.36 12.61
N THR B 67 -10.47 -8.23 13.37
CA THR B 67 -11.46 -9.17 12.75
C THR B 67 -12.81 -8.53 12.55
N ASN B 68 -13.06 -7.47 13.29
CA ASN B 68 -14.40 -6.83 13.21
C ASN B 68 -14.41 -5.29 13.21
N VAL B 69 -13.22 -4.69 13.35
CA VAL B 69 -12.98 -3.23 13.50
C VAL B 69 -13.59 -2.65 14.78
N TYR B 70 -14.01 -3.52 15.72
CA TYR B 70 -14.66 -3.00 16.95
C TYR B 70 -13.54 -2.42 17.81
N ILE B 71 -13.79 -1.21 18.32
CA ILE B 71 -12.88 -0.59 19.30
C ILE B 71 -12.92 -1.31 20.67
N MET B 72 -11.77 -1.78 21.16
CA MET B 72 -11.69 -2.44 22.46
C MET B 72 -11.40 -1.44 23.62
N GLY B 73 -10.55 -0.49 23.29
CA GLY B 73 -10.15 0.55 24.20
C GLY B 73 -9.25 1.55 23.61
N TYR B 74 -8.75 2.41 24.49
CA TYR B 74 -7.87 3.47 24.14
C TYR B 74 -6.92 3.79 25.28
N ARG B 75 -5.81 4.37 24.91
CA ARG B 75 -4.86 4.85 25.88
C ARG B 75 -4.68 6.35 25.70
N ALA B 76 -4.41 7.05 26.82
CA ALA B 76 -4.02 8.45 26.80
C ALA B 76 -3.00 8.73 27.92
N GLY B 77 -1.81 9.13 27.52
CA GLY B 77 -0.65 9.17 28.38
C GLY B 77 -0.62 7.83 29.10
N ASP B 78 -0.58 7.88 30.45
CA ASP B 78 -0.30 6.73 31.28
C ASP B 78 -1.50 5.87 31.59
N THR B 79 -2.65 6.17 30.95
CA THR B 79 -3.92 5.57 31.33
C THR B 79 -4.57 4.85 30.15
N SER B 80 -4.98 3.62 30.40
CA SER B 80 -5.80 2.82 29.46
C SER B 80 -7.22 2.79 29.91
N TYR B 81 -8.11 2.72 28.93
CA TYR B 81 -9.58 2.71 29.12
C TYR B 81 -10.12 1.56 28.26
N PHE B 82 -10.68 0.54 28.91
CA PHE B 82 -11.31 -0.58 28.20
C PHE B 82 -12.82 -0.59 28.38
N PHE B 83 -13.54 -0.96 27.31
CA PHE B 83 -14.97 -1.25 27.39
C PHE B 83 -15.26 -2.33 28.42
N ASN B 84 -16.38 -2.25 29.09
CA ASN B 84 -16.72 -3.33 30.02
C ASN B 84 -17.43 -4.43 29.32
N GLU B 85 -16.63 -5.28 28.66
CA GLU B 85 -17.08 -6.39 27.93
C GLU B 85 -15.92 -7.36 27.81
N ALA B 86 -16.26 -8.63 27.66
CA ALA B 86 -15.32 -9.75 27.49
C ALA B 86 -14.26 -9.64 26.40
N SER B 87 -14.63 -9.13 25.26
CA SER B 87 -13.73 -8.98 24.15
C SER B 87 -12.58 -8.03 24.52
N ALA B 88 -12.90 -6.99 25.30
CA ALA B 88 -11.94 -5.96 25.72
C ALA B 88 -11.10 -6.42 26.87
N THR B 89 -11.69 -7.22 27.74
CA THR B 89 -10.93 -7.88 28.79
C THR B 89 -9.86 -8.76 28.18
N GLU B 90 -10.20 -9.55 27.19
CA GLU B 90 -9.19 -10.28 26.42
C GLU B 90 -8.09 -9.37 25.79
N ALA B 91 -8.54 -8.35 25.07
CA ALA B 91 -7.72 -7.32 24.50
C ALA B 91 -6.72 -6.71 25.48
N ALA B 92 -7.13 -6.49 26.73
CA ALA B 92 -6.22 -5.89 27.80
C ALA B 92 -5.04 -6.82 28.15
N LYS B 93 -5.12 -8.08 27.73
CA LYS B 93 -4.01 -9.04 27.98
C LYS B 93 -2.91 -8.75 27.03
N TYR B 94 -3.16 -8.00 25.98
CA TYR B 94 -2.16 -7.80 24.88
C TYR B 94 -1.73 -6.37 24.62
N VAL B 95 -2.59 -5.38 24.78
CA VAL B 95 -2.34 -4.01 24.36
C VAL B 95 -2.32 -3.10 25.61
N PHE B 96 -1.45 -2.08 25.54
CA PHE B 96 -1.33 -1.02 26.55
C PHE B 96 -0.92 -1.59 27.89
N LYS B 97 -0.05 -2.59 27.90
CA LYS B 97 0.26 -3.32 29.10
C LYS B 97 1.08 -2.42 30.06
N ASP B 98 1.86 -1.49 29.54
CA ASP B 98 2.74 -0.67 30.35
C ASP B 98 2.09 0.64 30.81
N ALA B 99 0.78 0.79 30.61
CA ALA B 99 0.01 1.91 31.13
C ALA B 99 -0.06 1.76 32.66
N MET B 100 0.35 2.81 33.39
CA MET B 100 0.32 2.77 34.85
C MET B 100 -1.08 2.73 35.45
N ARG B 101 -2.04 3.47 34.89
CA ARG B 101 -3.46 3.48 35.37
C ARG B 101 -4.36 2.75 34.36
N LYS B 102 -5.26 1.95 34.87
CA LYS B 102 -6.04 1.01 34.07
C LYS B 102 -7.52 1.22 34.43
N VAL B 103 -8.25 1.91 33.57
CA VAL B 103 -9.63 2.24 33.80
C VAL B 103 -10.48 1.25 32.99
N THR B 104 -11.56 0.76 33.61
CA THR B 104 -12.60 0.05 32.97
C THR B 104 -13.80 0.95 32.76
N LEU B 105 -14.13 1.23 31.50
CA LEU B 105 -15.27 2.09 31.21
C LEU B 105 -16.51 1.42 31.76
N PRO B 106 -17.50 2.24 32.17
CA PRO B 106 -18.68 1.67 32.83
C PRO B 106 -19.71 1.14 31.80
N TYR B 107 -19.32 0.92 30.56
CA TYR B 107 -20.24 0.38 29.54
C TYR B 107 -19.49 -0.51 28.54
N SER B 108 -20.24 -1.48 28.01
CA SER B 108 -19.91 -2.15 26.76
C SER B 108 -19.82 -1.21 25.50
N GLY B 109 -19.14 -1.66 24.46
CA GLY B 109 -18.91 -0.82 23.31
C GLY B 109 -20.02 -0.78 22.28
N ASN B 110 -21.26 -0.99 22.71
CA ASN B 110 -22.41 -0.91 21.81
C ASN B 110 -23.30 0.31 21.96
N TYR B 111 -24.00 0.61 20.88
CA TYR B 111 -24.72 1.88 20.75
C TYR B 111 -25.84 2.04 21.76
N GLU B 112 -26.62 1.02 22.05
CA GLU B 112 -27.76 1.18 22.97
C GLU B 112 -27.25 1.58 24.33
N ARG B 113 -26.19 0.95 24.81
CA ARG B 113 -25.55 1.23 26.06
C ARG B 113 -24.83 2.54 26.05
N LEU B 114 -24.18 2.88 24.94
CA LEU B 114 -23.44 4.14 24.84
C LEU B 114 -24.41 5.29 24.83
N GLN B 115 -25.55 5.11 24.16
CA GLN B 115 -26.57 6.19 24.04
C GLN B 115 -27.33 6.39 25.35
N THR B 116 -27.60 5.30 26.05
CA THR B 116 -28.16 5.26 27.40
C THR B 116 -27.20 6.04 28.27
N ALA B 117 -25.92 5.69 28.22
CA ALA B 117 -24.91 6.32 29.04
C ALA B 117 -24.66 7.77 28.67
N ALA B 118 -24.87 8.16 27.41
CA ALA B 118 -24.70 9.58 27.00
C ALA B 118 -25.92 10.45 27.25
N GLY B 119 -27.06 9.84 27.57
CA GLY B 119 -28.36 10.51 27.50
C GLY B 119 -28.76 11.05 26.11
N LYS B 120 -28.10 10.53 25.05
CA LYS B 120 -28.07 11.11 23.69
C LYS B 120 -28.05 10.01 22.59
N ILE B 121 -28.90 10.10 21.59
CA ILE B 121 -28.91 9.19 20.44
C ILE B 121 -27.98 9.72 19.38
N ARG B 122 -27.53 8.84 18.48
CA ARG B 122 -26.43 9.18 17.55
C ARG B 122 -26.83 10.34 16.62
N GLU B 123 -28.10 10.31 16.23
CA GLU B 123 -28.75 11.34 15.41
C GLU B 123 -28.63 12.77 16.05
N ASN B 124 -28.32 12.88 17.34
CA ASN B 124 -28.11 14.14 18.03
C ASN B 124 -26.68 14.50 18.37
N ILE B 125 -25.74 13.78 17.78
CA ILE B 125 -24.36 13.99 18.10
C ILE B 125 -23.66 14.36 16.81
N PRO B 126 -22.98 15.52 16.80
CA PRO B 126 -22.40 15.89 15.58
C PRO B 126 -21.19 15.10 15.19
N LEU B 127 -21.02 15.02 13.89
CA LEU B 127 -19.89 14.37 13.32
C LEU B 127 -19.29 15.37 12.40
N GLY B 128 -18.09 15.05 11.89
CA GLY B 128 -17.26 15.90 11.12
C GLY B 128 -15.87 15.83 11.76
N LEU B 129 -14.90 16.35 11.02
CA LEU B 129 -13.53 16.38 11.50
C LEU B 129 -13.25 17.20 12.78
N PRO B 130 -13.87 18.42 12.91
CA PRO B 130 -13.88 19.14 14.16
C PRO B 130 -14.56 18.36 15.31
N ALA B 131 -15.67 17.61 15.03
CA ALA B 131 -16.28 16.74 16.06
C ALA B 131 -15.27 15.65 16.53
N LEU B 132 -14.47 15.22 15.60
CA LEU B 132 -13.53 14.21 15.86
C LEU B 132 -12.49 14.82 16.70
N ASP B 133 -12.09 16.06 16.34
CA ASP B 133 -11.08 16.74 17.15
C ASP B 133 -11.59 16.88 18.57
N SER B 134 -12.86 17.23 18.78
CA SER B 134 -13.36 17.45 20.16
C SER B 134 -13.38 16.18 20.98
N ALA B 135 -13.68 15.05 20.29
CA ALA B 135 -13.82 13.74 20.88
C ALA B 135 -12.51 13.30 21.44
N ILE B 136 -11.47 13.47 20.66
CA ILE B 136 -10.13 13.11 21.07
C ILE B 136 -9.67 13.85 22.34
N THR B 137 -9.93 15.16 22.36
CA THR B 137 -9.66 16.04 23.51
C THR B 137 -10.43 15.58 24.68
N THR B 138 -11.74 15.36 24.50
CA THR B 138 -12.61 14.77 25.56
C THR B 138 -12.13 13.42 26.16
N LEU B 139 -11.58 12.54 25.27
CA LEU B 139 -11.06 11.27 25.68
C LEU B 139 -9.64 11.38 26.24
N PHE B 140 -8.88 12.39 25.82
CA PHE B 140 -7.50 12.55 26.29
C PHE B 140 -7.46 13.03 27.72
N TYR B 141 -8.45 13.78 28.12
CA TYR B 141 -8.59 14.26 29.51
C TYR B 141 -9.51 13.36 30.34
N TYR B 142 -10.17 12.40 29.67
CA TYR B 142 -11.26 11.58 30.15
C TYR B 142 -12.22 12.37 31.05
N ASN B 143 -12.90 13.35 30.42
CA ASN B 143 -14.20 13.80 30.90
C ASN B 143 -14.97 12.51 30.97
N ALA B 144 -15.31 12.02 32.14
CA ALA B 144 -16.18 10.86 32.22
C ALA B 144 -17.63 11.11 31.76
N ASN B 145 -18.02 12.37 31.86
CA ASN B 145 -19.40 12.78 31.63
C ASN B 145 -19.65 13.02 30.18
N SER B 146 -18.55 13.24 29.47
CA SER B 146 -18.59 13.52 28.10
C SER B 146 -18.08 12.33 27.27
N ALA B 147 -17.66 11.24 27.93
CA ALA B 147 -16.82 10.23 27.30
C ALA B 147 -17.63 9.28 26.37
N ALA B 148 -18.85 8.94 26.75
CA ALA B 148 -19.72 8.06 25.98
C ALA B 148 -20.07 8.67 24.64
N SER B 149 -20.34 9.95 24.59
CA SER B 149 -20.77 10.50 23.33
C SER B 149 -19.58 10.73 22.41
N ALA B 150 -18.43 11.05 23.02
CA ALA B 150 -17.20 11.14 22.33
C ALA B 150 -16.75 9.80 21.78
N LEU B 151 -17.03 8.69 22.50
CA LEU B 151 -16.77 7.35 22.00
C LEU B 151 -17.59 7.02 20.74
N MET B 152 -18.87 7.45 20.71
CA MET B 152 -19.74 7.30 19.56
C MET B 152 -19.22 8.06 18.38
N VAL B 153 -18.62 9.25 18.64
CA VAL B 153 -18.02 10.02 17.61
C VAL B 153 -16.81 9.30 17.04
N LEU B 154 -15.93 8.86 17.95
CA LEU B 154 -14.73 8.14 17.61
C LEU B 154 -15.09 6.90 16.79
N ILE B 155 -16.03 6.12 17.31
CA ILE B 155 -16.46 4.92 16.62
C ILE B 155 -16.90 5.17 15.18
N GLN B 156 -17.76 6.18 14.99
CA GLN B 156 -18.35 6.34 13.67
C GLN B 156 -17.32 6.87 12.67
N SER B 157 -16.34 7.58 13.22
CA SER B 157 -15.31 8.23 12.50
C SER B 157 -14.14 7.32 12.12
N THR B 158 -14.08 6.15 12.74
CA THR B 158 -13.06 5.12 12.44
C THR B 158 -13.78 3.86 11.92
N SER B 159 -14.27 3.06 12.86
CA SER B 159 -14.95 1.77 12.61
C SER B 159 -15.95 1.87 11.46
N GLU B 160 -16.84 2.85 11.57
CA GLU B 160 -17.99 2.96 10.67
C GLU B 160 -17.66 3.50 9.32
N ALA B 161 -16.84 4.56 9.31
CA ALA B 161 -16.23 5.08 8.12
C ALA B 161 -15.48 4.02 7.29
N ALA B 162 -14.61 3.21 7.95
CA ALA B 162 -13.97 2.02 7.33
C ALA B 162 -14.92 0.98 6.69
N ARG B 163 -16.07 0.75 7.32
CA ARG B 163 -17.12 -0.25 6.81
C ARG B 163 -17.98 0.22 5.59
N TYR B 164 -18.19 1.53 5.55
CA TYR B 164 -19.00 2.14 4.50
C TYR B 164 -18.35 3.40 3.96
N LYS B 165 -18.02 3.34 2.66
CA LYS B 165 -17.70 4.52 1.88
C LYS B 165 -18.70 5.75 2.09
N PHE B 166 -20.01 5.52 2.14
CA PHE B 166 -20.90 6.65 2.35
C PHE B 166 -20.58 7.45 3.66
N ILE B 167 -20.29 6.68 4.74
CA ILE B 167 -19.95 7.27 6.04
C ILE B 167 -18.63 8.06 6.01
N GLU B 168 -17.63 7.45 5.37
CA GLU B 168 -16.31 8.07 5.16
C GLU B 168 -16.50 9.41 4.44
N GLN B 169 -17.19 9.43 3.29
CA GLN B 169 -17.41 10.64 2.53
C GLN B 169 -18.11 11.77 3.29
N GLN B 170 -19.12 11.40 4.04
CA GLN B 170 -19.93 12.31 4.79
C GLN B 170 -19.18 13.01 5.90
N ILE B 171 -18.40 12.27 6.63
CA ILE B 171 -17.61 12.78 7.73
C ILE B 171 -16.44 13.57 7.18
N GLY B 172 -15.76 13.01 6.20
CA GLY B 172 -14.66 13.65 5.51
C GLY B 172 -14.96 14.93 4.78
N LYS B 173 -16.22 15.10 4.33
CA LYS B 173 -16.70 16.36 3.67
C LYS B 173 -16.88 17.57 4.65
N ARG B 174 -17.07 17.29 5.95
CA ARG B 174 -17.08 18.32 6.99
C ARG B 174 -15.70 18.48 7.60
N VAL B 175 -14.96 19.39 6.98
CA VAL B 175 -13.56 19.69 7.29
C VAL B 175 -13.55 20.81 8.35
N ASP B 176 -14.40 21.82 8.10
CA ASP B 176 -14.58 23.00 9.00
C ASP B 176 -15.89 23.06 9.72
N LYS B 177 -16.82 22.16 9.42
CA LYS B 177 -18.08 22.22 10.08
C LYS B 177 -18.37 20.82 10.56
N THR B 178 -19.38 20.73 11.40
CA THR B 178 -19.96 19.50 11.81
C THR B 178 -21.39 19.37 11.25
N PHE B 179 -21.88 18.13 11.27
CA PHE B 179 -23.23 17.78 10.83
C PHE B 179 -23.89 16.70 11.72
N LEU B 180 -25.21 16.69 11.71
CA LEU B 180 -25.98 15.72 12.41
C LEU B 180 -26.24 14.55 11.45
N PRO B 181 -25.81 13.32 11.85
CA PRO B 181 -25.88 12.18 10.92
C PRO B 181 -27.31 11.75 10.69
N SER B 182 -27.59 11.34 9.46
CA SER B 182 -28.99 11.07 9.02
C SER B 182 -29.34 9.66 9.46
N LEU B 183 -30.64 9.35 9.37
CA LEU B 183 -31.08 7.95 9.55
C LEU B 183 -30.39 6.96 8.57
N ALA B 184 -29.94 7.47 7.42
CA ALA B 184 -29.24 6.66 6.44
C ALA B 184 -27.95 6.14 7.03
N ILE B 185 -27.16 7.02 7.64
CA ILE B 185 -25.88 6.63 8.29
C ILE B 185 -26.14 5.65 9.41
N ILE B 186 -27.15 5.98 10.23
CA ILE B 186 -27.55 5.12 11.35
C ILE B 186 -28.01 3.74 10.88
N SER B 187 -28.72 3.63 9.78
CA SER B 187 -29.17 2.30 9.41
C SER B 187 -28.08 1.50 8.79
N LEU B 188 -27.16 2.12 8.04
CA LEU B 188 -25.95 1.39 7.59
C LEU B 188 -25.13 0.78 8.76
N GLU B 189 -24.87 1.64 9.76
CA GLU B 189 -24.30 1.20 11.02
C GLU B 189 -25.04 0.03 11.60
N ASN B 190 -26.35 0.20 11.75
CA ASN B 190 -27.15 -0.81 12.43
C ASN B 190 -27.21 -2.13 11.67
N SER B 191 -26.94 -2.09 10.38
CA SER B 191 -27.25 -3.19 9.47
C SER B 191 -25.96 -3.92 9.06
N TRP B 192 -24.80 -3.46 9.55
CA TRP B 192 -23.54 -4.00 9.08
C TRP B 192 -23.43 -5.53 9.16
N SER B 193 -23.85 -6.06 10.28
CA SER B 193 -23.66 -7.45 10.59
C SER B 193 -24.56 -8.32 9.65
N ALA B 194 -25.78 -7.86 9.48
CA ALA B 194 -26.79 -8.59 8.79
C ALA B 194 -26.54 -8.48 7.28
N LEU B 195 -26.14 -7.30 6.77
CA LEU B 195 -25.88 -7.12 5.32
C LEU B 195 -24.66 -7.95 4.93
N SER B 196 -23.60 -7.81 5.71
CA SER B 196 -22.39 -8.63 5.65
C SER B 196 -22.71 -10.11 5.52
N LYS B 197 -23.54 -10.59 6.43
CA LYS B 197 -23.93 -11.97 6.47
C LYS B 197 -24.71 -12.39 5.23
N GLN B 198 -25.69 -11.58 4.82
CA GLN B 198 -26.43 -11.83 3.62
C GLN B 198 -25.56 -11.79 2.32
N ILE B 199 -24.54 -10.98 2.33
CA ILE B 199 -23.60 -10.97 1.22
C ILE B 199 -22.87 -12.32 1.13
N GLN B 200 -22.50 -12.88 2.29
CA GLN B 200 -21.85 -14.23 2.39
C GLN B 200 -22.81 -15.35 1.93
N ILE B 201 -24.00 -15.29 2.45
CA ILE B 201 -25.00 -16.21 1.98
C ILE B 201 -25.18 -16.10 0.43
N ALA B 202 -25.34 -14.90 -0.10
CA ALA B 202 -25.64 -14.74 -1.50
C ALA B 202 -24.50 -15.27 -2.38
N SER B 203 -23.31 -15.24 -1.84
CA SER B 203 -22.13 -15.77 -2.52
C SER B 203 -22.28 -17.27 -2.88
N THR B 204 -23.06 -17.99 -2.08
CA THR B 204 -23.35 -19.37 -2.36
C THR B 204 -24.82 -19.63 -2.72
N ASN B 205 -25.56 -18.56 -3.01
CA ASN B 205 -26.95 -18.57 -3.33
C ASN B 205 -27.23 -17.71 -4.52
N ASN B 206 -26.35 -17.76 -5.50
CA ASN B 206 -26.57 -17.07 -6.74
C ASN B 206 -26.74 -15.58 -6.68
N GLY B 207 -26.08 -14.94 -5.68
CA GLY B 207 -26.18 -13.48 -5.52
C GLY B 207 -27.45 -13.03 -4.82
N GLN B 208 -28.30 -13.99 -4.42
CA GLN B 208 -29.54 -13.69 -3.73
C GLN B 208 -29.39 -13.72 -2.22
N PHE B 209 -29.92 -12.69 -1.55
CA PHE B 209 -30.09 -12.76 -0.06
C PHE B 209 -31.08 -13.88 0.32
N GLU B 210 -30.88 -14.48 1.48
CA GLU B 210 -31.85 -15.41 2.07
C GLU B 210 -32.93 -14.63 2.91
N SER B 211 -32.52 -13.58 3.60
CA SER B 211 -33.45 -12.68 4.20
C SER B 211 -33.10 -11.28 3.73
N PRO B 212 -34.14 -10.44 3.55
CA PRO B 212 -33.90 -9.04 3.20
C PRO B 212 -33.25 -8.25 4.34
N VAL B 213 -32.63 -7.18 3.91
CA VAL B 213 -32.09 -6.17 4.78
C VAL B 213 -32.81 -4.86 4.40
N VAL B 214 -33.40 -4.24 5.40
CA VAL B 214 -33.96 -2.92 5.22
C VAL B 214 -32.92 -1.85 5.62
N LEU B 215 -32.75 -0.87 4.72
CA LEU B 215 -32.02 0.36 4.96
C LEU B 215 -32.98 1.59 4.77
N ILE B 216 -32.55 2.73 5.30
CA ILE B 216 -33.16 4.00 5.02
C ILE B 216 -32.17 4.70 4.11
N ASN B 217 -32.69 5.30 3.04
CA ASN B 217 -31.79 5.98 2.13
C ASN B 217 -31.50 7.41 2.55
N ALA B 218 -30.66 8.09 1.79
CA ALA B 218 -30.26 9.46 2.15
C ALA B 218 -31.39 10.48 1.89
N GLN B 219 -32.55 10.01 1.39
CA GLN B 219 -33.82 10.78 1.29
C GLN B 219 -34.88 10.25 2.22
N ASN B 220 -34.47 9.47 3.22
CA ASN B 220 -35.34 9.00 4.32
C ASN B 220 -36.39 7.95 4.03
N GLN B 221 -36.28 7.33 2.85
CA GLN B 221 -37.21 6.29 2.46
C GLN B 221 -36.64 4.92 2.85
N ARG B 222 -37.52 4.05 3.31
CA ARG B 222 -37.24 2.64 3.43
C ARG B 222 -36.97 2.07 2.08
N VAL B 223 -35.89 1.26 1.99
CA VAL B 223 -35.53 0.51 0.83
C VAL B 223 -35.20 -0.90 1.33
N THR B 224 -35.63 -1.90 0.54
CA THR B 224 -35.36 -3.29 0.82
C THR B 224 -34.12 -3.87 0.02
N ILE B 225 -33.16 -4.35 0.76
CA ILE B 225 -31.99 -4.97 0.16
C ILE B 225 -32.14 -6.50 0.11
N THR B 226 -32.00 -7.06 -1.10
CA THR B 226 -32.25 -8.50 -1.35
C THR B 226 -31.25 -9.18 -2.25
N ASN B 227 -30.31 -8.46 -2.83
CA ASN B 227 -29.35 -9.07 -3.75
C ASN B 227 -28.10 -8.23 -3.92
N VAL B 228 -27.15 -8.75 -4.67
CA VAL B 228 -25.83 -8.10 -4.85
C VAL B 228 -25.76 -7.05 -5.96
N ASP B 229 -26.93 -6.77 -6.51
CA ASP B 229 -27.15 -5.60 -7.38
C ASP B 229 -27.49 -4.27 -6.66
N ALA B 230 -27.75 -4.36 -5.36
CA ALA B 230 -28.09 -3.20 -4.51
C ALA B 230 -26.87 -2.24 -4.47
N GLY B 231 -27.05 -0.93 -4.65
CA GLY B 231 -25.91 0.07 -4.49
C GLY B 231 -25.04 -0.07 -3.24
N VAL B 232 -25.66 -0.44 -2.13
CA VAL B 232 -24.89 -0.59 -0.87
C VAL B 232 -23.79 -1.64 -0.99
N VAL B 233 -24.11 -2.64 -1.82
CA VAL B 233 -23.21 -3.76 -2.13
C VAL B 233 -22.12 -3.41 -3.22
N THR B 234 -22.56 -2.82 -4.32
CA THR B 234 -21.66 -2.43 -5.42
C THR B 234 -20.78 -1.19 -5.17
N SER B 235 -21.25 -0.28 -4.32
CA SER B 235 -20.74 1.13 -4.24
C SER B 235 -20.76 1.78 -2.83
N ASN B 236 -20.74 0.99 -1.76
CA ASN B 236 -20.77 1.58 -0.40
C ASN B 236 -20.03 0.70 0.63
N ILE B 237 -20.59 -0.45 0.93
CA ILE B 237 -19.90 -1.33 1.89
C ILE B 237 -18.46 -1.68 1.43
N ALA B 238 -17.52 -1.49 2.37
CA ALA B 238 -16.10 -1.65 2.11
C ALA B 238 -15.48 -2.81 2.94
N LEU B 239 -16.19 -3.30 3.95
CA LEU B 239 -15.69 -4.42 4.73
C LEU B 239 -16.85 -5.33 5.06
N LEU B 240 -16.62 -6.66 5.14
CA LEU B 240 -17.63 -7.64 5.54
C LEU B 240 -17.29 -8.26 6.81
N LEU B 241 -18.21 -8.18 7.79
CA LEU B 241 -18.09 -8.91 9.01
C LEU B 241 -18.26 -10.36 8.70
N ASN B 242 -17.26 -11.18 9.05
CA ASN B 242 -17.38 -12.60 8.85
C ASN B 242 -18.51 -13.19 9.67
N ARG B 243 -19.21 -14.10 9.05
CA ARG B 243 -20.27 -14.76 9.75
C ARG B 243 -19.72 -15.62 10.90
N ASN B 244 -18.49 -16.11 10.80
CA ASN B 244 -17.95 -16.88 11.92
C ASN B 244 -17.10 -16.07 12.96
N ASN B 245 -17.22 -14.74 12.91
CA ASN B 245 -16.63 -13.88 13.95
C ASN B 245 -17.23 -14.11 15.40
N MET B 246 -18.40 -14.75 15.45
CA MET B 246 -19.17 -15.06 16.68
C MET B 246 -19.88 -16.39 16.46
N ALA B 247 -19.89 -17.27 17.47
CA ALA B 247 -20.51 -18.62 17.38
C ALA B 247 -22.04 -18.50 17.21
N ASP C 2 12.98 -9.81 6.87
CA ASP C 2 12.71 -10.59 5.63
C ASP C 2 11.39 -11.34 5.76
N ASP C 3 10.54 -11.14 4.74
CA ASP C 3 9.28 -11.83 4.60
C ASP C 3 8.75 -11.52 3.16
N ASP C 4 7.46 -11.21 3.08
CA ASP C 4 6.86 -10.48 1.96
C ASP C 4 6.13 -9.26 2.55
N MET C 5 6.25 -9.10 3.87
CA MET C 5 5.49 -8.08 4.63
C MET C 5 6.25 -6.75 4.61
N GLY C 6 7.53 -6.81 4.19
CA GLY C 6 8.37 -5.66 3.99
C GLY C 6 8.40 -4.68 5.15
N PHE C 7 8.27 -5.22 6.39
CA PHE C 7 8.12 -4.43 7.61
C PHE C 7 9.39 -3.63 7.84
N GLY C 8 9.23 -2.31 7.97
CA GLY C 8 10.37 -1.39 8.16
C GLY C 8 11.17 -1.03 6.93
N LEU C 9 10.65 -1.29 5.74
CA LEU C 9 11.40 -0.99 4.50
C LEU C 9 10.81 0.09 3.68
N PHE C 10 9.83 0.80 4.28
CA PHE C 10 9.05 1.85 3.60
C PHE C 10 9.10 3.11 4.42
N ASP C 11 8.10 3.35 5.28
CA ASP C 11 8.09 4.59 6.06
C ASP C 11 8.86 4.49 7.37
N ASP D 3 -22.07 12.97 -2.80
CA ASP D 3 -22.76 14.28 -2.66
C ASP D 3 -23.23 14.44 -1.19
N ASP D 4 -24.54 14.53 -1.00
CA ASP D 4 -25.26 14.17 0.24
C ASP D 4 -26.53 13.38 -0.08
N MET D 5 -26.72 13.13 -1.38
CA MET D 5 -27.91 12.55 -1.98
C MET D 5 -27.84 11.03 -1.82
N GLY D 6 -26.61 10.51 -1.70
CA GLY D 6 -26.37 9.08 -1.58
C GLY D 6 -26.99 8.24 -2.69
N PHE D 7 -27.09 8.82 -3.90
CA PHE D 7 -27.81 8.24 -5.03
C PHE D 7 -27.10 7.00 -5.52
N GLY D 8 -27.77 5.85 -5.47
CA GLY D 8 -27.15 4.57 -5.87
C GLY D 8 -26.20 3.86 -4.92
N LEU D 9 -26.24 4.20 -3.64
CA LEU D 9 -25.44 3.59 -2.59
C LEU D 9 -26.30 2.84 -1.55
N PHE D 10 -27.59 2.71 -1.85
CA PHE D 10 -28.52 2.00 -1.00
C PHE D 10 -29.13 0.80 -1.78
N ASP D 11 -30.28 0.98 -2.40
CA ASP D 11 -30.95 -0.14 -3.06
C ASP D 11 -30.47 -0.04 -4.48
#